data_4D6J
#
_entry.id   4D6J
#
_cell.length_a   92.240
_cell.length_b   154.670
_cell.length_c   96.770
_cell.angle_alpha   90.00
_cell.angle_beta   90.00
_cell.angle_gamma   90.00
#
_symmetry.space_group_name_H-M   'C 2 2 21'
#
loop_
_entity.id
_entity.type
_entity.pdbx_description
1 polymer 'GLYCOSIDE HYDROLASE'
2 branched alpha-L-fucopyranose-(1-2)-[2-acetamido-2-deoxy-alpha-D-galactopyranose-(1-3)]beta-D-galactopyranose-(1-4)-2-acetamido-2-deoxy-beta-D-glucopyranose
3 non-polymer 1,2-ETHANEDIOL
4 water water
#
_entity_poly.entity_id   1
_entity_poly.type   'polypeptide(L)'
_entity_poly.pdbx_seq_one_letter_code
;EVDKRREINNEHPLLMMPLYANGEEFNQGKYTFWGGDTLTGKWENIPDDLKPYTVIQLHPDDLPKRDGAARDFYEHMLEE
AAKYVNPKTGKNEPIPVILTVYTAGNMPYYTSAHWLSTSWIDKMYQKYPNLHGIFSTASYWIWANDIENKAADYLKVSAK
NGGYFIWAEQNVGSAIEKAFGKNGKIAFQKSVDKYWKNLIFMFKNTPAAEGNDSTTESYMKGLWLSNHTYQWGGLMDTWK
WYETGKWKLFASGNIGKSQGDRQWLTEPESMLGEEALGVYLNGGVVYNFEHPAYTYGVNNKESLLFSEVIKEFFRYVIAH
PAPSKEKVLEDTKVFIHGDYSNKGNGKFFVNVNTDREQTPLYMTGRYNVIPAIPGVLKTDKLKESVSSSRIQIKEITSPE
FSSTQARKEYLNKLYPMNYEGDIFAQKLDNRWFVYNYKVNENVKQTGKLKFNSLEMNVEFEPHTYGIFERISNGLKVNLN
NFRTNKDSLWSNAQDANQAKKLPQLTKKGAIKWIEEHYIKDTQFGEKRVTKIVLRGIDKLPTIHSLSGTNNSYDQPSLNF
DQKNHMVTITINSNGNLEFELHFLEHTRAPPPPPLRSGC
;
_entity_poly.pdbx_strand_id   A
#
loop_
_chem_comp.id
_chem_comp.type
_chem_comp.name
_chem_comp.formula
A2G D-saccharide, alpha linking 2-acetamido-2-deoxy-alpha-D-galactopyranose 'C8 H15 N O6'
EDO non-polymer 1,2-ETHANEDIOL 'C2 H6 O2'
FUC L-saccharide, alpha linking alpha-L-fucopyranose 'C6 H12 O5'
GAL D-saccharide, beta linking beta-D-galactopyranose 'C6 H12 O6'
NAG D-saccharide, beta linking 2-acetamido-2-deoxy-beta-D-glucopyranose 'C8 H15 N O6'
#
# COMPACT_ATOMS: atom_id res chain seq x y z
N GLU A 1 -9.94 -28.65 5.82
CA GLU A 1 -10.24 -27.22 5.49
C GLU A 1 -11.73 -26.93 5.61
N VAL A 2 -12.08 -25.90 6.36
CA VAL A 2 -13.43 -25.36 6.42
C VAL A 2 -13.54 -24.33 5.28
N ASP A 3 -14.71 -24.23 4.67
CA ASP A 3 -14.97 -23.27 3.60
C ASP A 3 -14.58 -21.85 3.99
N LYS A 4 -13.76 -21.20 3.17
CA LYS A 4 -13.34 -19.82 3.41
C LYS A 4 -14.53 -18.88 3.38
N ARG A 5 -14.56 -17.89 4.27
CA ARG A 5 -15.68 -16.95 4.33
C ARG A 5 -15.70 -15.97 3.15
N ARG A 6 -14.54 -15.78 2.54
CA ARG A 6 -14.42 -14.91 1.37
C ARG A 6 -13.21 -15.36 0.59
N GLU A 7 -13.13 -14.96 -0.68
CA GLU A 7 -11.91 -15.13 -1.46
C GLU A 7 -11.04 -13.86 -1.36
N ILE A 8 -9.72 -14.06 -1.28
CA ILE A 8 -8.74 -12.98 -1.38
C ILE A 8 -7.67 -13.47 -2.34
N ASN A 9 -7.60 -12.86 -3.52
CA ASN A 9 -6.60 -13.22 -4.54
C ASN A 9 -6.55 -12.17 -5.64
N ASN A 10 -5.80 -12.40 -6.70
CA ASN A 10 -5.61 -11.34 -7.70
C ASN A 10 -6.94 -10.85 -8.31
N GLU A 11 -7.87 -11.79 -8.50
CA GLU A 11 -9.20 -11.50 -9.06
C GLU A 11 -10.18 -10.98 -8.01
N HIS A 12 -9.90 -11.27 -6.73
CA HIS A 12 -10.70 -10.78 -5.61
C HIS A 12 -9.80 -10.07 -4.61
N PRO A 13 -9.26 -8.89 -4.98
CA PRO A 13 -8.35 -8.23 -4.07
C PRO A 13 -9.13 -7.70 -2.87
N LEU A 14 -8.43 -7.17 -1.87
CA LEU A 14 -9.06 -6.72 -0.66
C LEU A 14 -8.62 -5.31 -0.29
N LEU A 15 -9.57 -4.39 -0.17
CA LEU A 15 -9.31 -3.06 0.37
C LEU A 15 -9.84 -3.00 1.79
N MET A 16 -8.93 -2.91 2.77
CA MET A 16 -9.35 -2.79 4.17
C MET A 16 -9.79 -1.34 4.40
N MET A 17 -10.91 -1.19 5.12
CA MET A 17 -11.51 0.13 5.41
C MET A 17 -11.53 0.40 6.91
N PRO A 18 -10.48 1.06 7.45
CA PRO A 18 -10.31 1.18 8.89
C PRO A 18 -11.29 2.14 9.55
N LEU A 19 -11.78 1.74 10.72
CA LEU A 19 -12.65 2.57 11.54
C LEU A 19 -12.09 2.48 12.94
N TYR A 20 -11.61 3.62 13.46
CA TYR A 20 -10.93 3.66 14.75
C TYR A 20 -11.84 4.14 15.86
N ALA A 21 -12.01 3.29 16.87
CA ALA A 21 -12.84 3.56 18.05
C ALA A 21 -12.46 4.84 18.77
N ASN A 22 -13.47 5.67 19.08
CA ASN A 22 -13.24 6.86 19.88
C ASN A 22 -13.42 6.55 21.38
N GLY A 23 -12.30 6.37 22.07
CA GLY A 23 -12.31 5.95 23.47
C GLY A 23 -12.80 7.02 24.42
N GLU A 24 -12.55 8.29 24.07
CA GLU A 24 -13.07 9.42 24.87
C GLU A 24 -14.61 9.42 24.89
N GLU A 25 -15.21 9.24 23.72
CA GLU A 25 -16.67 9.19 23.63
C GLU A 25 -17.23 7.87 24.18
N PHE A 26 -16.48 6.79 24.06
CA PHE A 26 -16.83 5.54 24.74
C PHE A 26 -17.04 5.70 26.25
N ASN A 27 -16.12 6.41 26.91
CA ASN A 27 -16.22 6.78 28.32
C ASN A 27 -17.47 7.62 28.63
N GLN A 28 -18.04 8.25 27.61
CA GLN A 28 -19.24 9.07 27.73
C GLN A 28 -20.49 8.30 27.33
N GLY A 29 -20.35 7.00 27.12
CA GLY A 29 -21.45 6.12 26.77
C GLY A 29 -21.82 6.09 25.30
N LYS A 30 -20.95 6.61 24.43
CA LYS A 30 -21.21 6.63 22.98
C LYS A 30 -20.37 5.58 22.25
N TYR A 31 -20.85 5.14 21.09
CA TYR A 31 -20.15 4.16 20.29
C TYR A 31 -19.82 4.80 18.97
N THR A 32 -18.64 5.39 18.88
CA THR A 32 -18.30 6.23 17.74
C THR A 32 -16.87 6.00 17.27
N PHE A 33 -16.55 6.58 16.11
CA PHE A 33 -15.21 6.48 15.53
C PHE A 33 -14.59 7.85 15.37
N TRP A 34 -13.27 7.92 15.60
CA TRP A 34 -12.50 9.13 15.32
C TRP A 34 -12.67 9.55 13.86
N GLY A 35 -12.96 10.82 13.63
CA GLY A 35 -13.25 11.32 12.28
C GLY A 35 -14.72 11.38 11.91
N GLY A 36 -15.58 10.81 12.76
CA GLY A 36 -17.04 10.88 12.57
C GLY A 36 -17.68 9.93 11.58
N ASP A 37 -16.92 9.00 11.00
CA ASP A 37 -17.49 7.93 10.19
C ASP A 37 -18.40 7.08 11.09
N THR A 38 -19.45 6.50 10.50
CA THR A 38 -20.25 5.49 11.20
C THR A 38 -20.09 4.16 10.44
N LEU A 39 -20.33 3.04 11.12
CA LEU A 39 -20.14 1.75 10.44
C LEU A 39 -21.09 1.66 9.24
N THR A 40 -22.37 1.94 9.48
CA THR A 40 -23.41 1.84 8.45
C THR A 40 -23.22 2.90 7.36
N GLY A 41 -23.05 4.15 7.78
CA GLY A 41 -22.83 5.25 6.85
C GLY A 41 -21.61 5.03 5.96
N LYS A 42 -20.52 4.54 6.53
CA LYS A 42 -19.32 4.28 5.72
C LYS A 42 -19.59 3.20 4.68
N TRP A 43 -20.15 2.08 5.12
CA TRP A 43 -20.47 1.00 4.21
C TRP A 43 -21.38 1.46 3.07
N GLU A 44 -22.44 2.20 3.41
CA GLU A 44 -23.38 2.71 2.39
C GLU A 44 -22.71 3.60 1.36
N ASN A 45 -21.73 4.38 1.81
CA ASN A 45 -21.01 5.28 0.93
C ASN A 45 -19.98 4.59 0.01
N ILE A 46 -19.62 3.34 0.32
CA ILE A 46 -18.69 2.61 -0.56
C ILE A 46 -19.39 2.31 -1.90
N PRO A 47 -18.79 2.74 -3.02
CA PRO A 47 -19.35 2.48 -4.34
C PRO A 47 -19.71 1.00 -4.53
N ASP A 48 -20.88 0.75 -5.13
CA ASP A 48 -21.38 -0.62 -5.29
C ASP A 48 -20.42 -1.59 -6.01
N ASP A 49 -19.61 -1.09 -6.94
CA ASP A 49 -18.64 -1.96 -7.62
C ASP A 49 -17.49 -2.40 -6.71
N LEU A 50 -17.24 -1.61 -5.67
CA LEU A 50 -16.16 -1.88 -4.72
C LEU A 50 -16.61 -2.73 -3.53
N LYS A 51 -17.91 -2.70 -3.23
CA LYS A 51 -18.46 -3.44 -2.08
C LYS A 51 -18.01 -4.92 -1.99
N PRO A 52 -17.99 -5.66 -3.11
CA PRO A 52 -17.52 -7.05 -3.02
C PRO A 52 -16.04 -7.22 -2.66
N TYR A 53 -15.29 -6.12 -2.61
CA TYR A 53 -13.83 -6.19 -2.47
C TYR A 53 -13.34 -5.36 -1.28
N THR A 54 -14.27 -4.88 -0.46
CA THR A 54 -13.92 -4.01 0.67
C THR A 54 -14.50 -4.58 1.94
N VAL A 55 -13.71 -4.53 3.01
CA VAL A 55 -14.12 -5.03 4.31
C VAL A 55 -13.82 -3.94 5.35
N ILE A 56 -14.77 -3.73 6.25
CA ILE A 56 -14.64 -2.76 7.33
C ILE A 56 -13.68 -3.34 8.36
N GLN A 57 -12.60 -2.63 8.68
CA GLN A 57 -11.66 -3.09 9.70
C GLN A 57 -11.83 -2.22 10.96
N LEU A 58 -12.37 -2.82 12.01
CA LEU A 58 -12.52 -2.14 13.28
C LEU A 58 -11.19 -2.17 14.03
N HIS A 59 -10.86 -1.05 14.67
CA HIS A 59 -9.59 -0.90 15.42
C HIS A 59 -9.96 -0.28 16.76
N PRO A 60 -9.37 -0.79 17.87
CA PRO A 60 -9.80 -0.33 19.19
C PRO A 60 -9.16 0.99 19.63
N ASP A 61 -8.23 1.51 18.83
CA ASP A 61 -7.54 2.78 19.09
C ASP A 61 -7.36 3.10 20.59
N ASP A 62 -7.99 4.17 21.06
CA ASP A 62 -7.82 4.60 22.45
C ASP A 62 -8.96 4.23 23.41
N LEU A 63 -9.66 3.12 23.13
CA LEU A 63 -10.58 2.56 24.14
C LEU A 63 -9.88 2.35 25.48
N PRO A 64 -10.63 2.49 26.61
CA PRO A 64 -10.04 2.29 27.94
C PRO A 64 -9.25 0.99 28.03
N LYS A 65 -8.06 1.05 28.66
CA LYS A 65 -7.22 -0.12 28.82
C LYS A 65 -7.59 -0.94 30.06
N ARG A 66 -8.68 -1.69 29.93
CA ARG A 66 -9.21 -2.50 31.03
C ARG A 66 -10.10 -3.56 30.41
N ASP A 67 -10.38 -4.60 31.18
CA ASP A 67 -11.17 -5.70 30.67
C ASP A 67 -12.54 -5.23 30.25
N GLY A 68 -13.03 -5.78 29.15
CA GLY A 68 -14.40 -5.60 28.75
C GLY A 68 -14.64 -4.48 27.76
N ALA A 69 -13.75 -3.49 27.70
CA ALA A 69 -14.01 -2.31 26.85
C ALA A 69 -14.03 -2.67 25.35
N ALA A 70 -12.93 -3.23 24.87
CA ALA A 70 -12.87 -3.64 23.47
C ALA A 70 -13.98 -4.63 23.10
N ARG A 71 -14.27 -5.61 23.98
CA ARG A 71 -15.35 -6.58 23.71
C ARG A 71 -16.70 -5.87 23.54
N ASP A 72 -16.98 -4.94 24.46
CA ASP A 72 -18.24 -4.22 24.49
C ASP A 72 -18.38 -3.40 23.17
N PHE A 73 -17.35 -2.66 22.82
CA PHE A 73 -17.33 -1.89 21.57
C PHE A 73 -17.48 -2.80 20.35
N TYR A 74 -16.67 -3.86 20.26
CA TYR A 74 -16.74 -4.78 19.14
C TYR A 74 -18.09 -5.51 18.99
N GLU A 75 -18.64 -5.99 20.10
CA GLU A 75 -19.95 -6.65 20.07
C GLU A 75 -21.05 -5.69 19.57
N HIS A 76 -21.00 -4.45 20.04
CA HIS A 76 -21.93 -3.42 19.58
C HIS A 76 -21.86 -3.23 18.04
N MET A 77 -20.65 -3.08 17.51
CA MET A 77 -20.47 -2.87 16.07
C MET A 77 -20.72 -4.11 15.21
N LEU A 78 -20.38 -5.30 15.72
CA LEU A 78 -20.74 -6.53 15.01
C LEU A 78 -22.27 -6.68 14.89
N GLU A 79 -22.97 -6.31 15.97
CA GLU A 79 -24.44 -6.21 15.95
C GLU A 79 -24.96 -5.26 14.87
N GLU A 80 -24.42 -4.04 14.84
CA GLU A 80 -24.74 -3.08 13.77
C GLU A 80 -24.45 -3.64 12.36
N ALA A 81 -23.26 -4.22 12.19
CA ALA A 81 -22.87 -4.84 10.91
C ALA A 81 -23.83 -5.96 10.50
N ALA A 82 -24.16 -6.83 11.44
CA ALA A 82 -24.98 -8.03 11.16
C ALA A 82 -26.42 -7.70 10.77
N LYS A 83 -26.96 -6.65 11.38
CA LYS A 83 -28.38 -6.31 11.25
C LYS A 83 -28.64 -5.31 10.10
N TYR A 84 -27.58 -4.90 9.40
CA TYR A 84 -27.69 -3.88 8.35
C TYR A 84 -28.70 -4.27 7.26
N VAL A 85 -29.60 -3.34 6.97
CA VAL A 85 -30.62 -3.52 5.93
C VAL A 85 -30.33 -2.53 4.80
N ASN A 86 -30.11 -3.05 3.59
CA ASN A 86 -29.91 -2.23 2.39
C ASN A 86 -31.20 -1.47 2.06
N PRO A 87 -31.16 -0.12 2.09
CA PRO A 87 -32.39 0.67 1.95
C PRO A 87 -33.03 0.58 0.56
N LYS A 88 -32.22 0.35 -0.47
CA LYS A 88 -32.70 0.22 -1.84
C LYS A 88 -33.50 -1.08 -2.10
N THR A 89 -33.12 -2.16 -1.44
CA THR A 89 -33.72 -3.48 -1.69
C THR A 89 -34.53 -4.02 -0.50
N GLY A 90 -34.39 -3.37 0.66
CA GLY A 90 -35.09 -3.80 1.88
C GLY A 90 -34.57 -5.09 2.51
N LYS A 91 -33.51 -5.66 1.94
CA LYS A 91 -32.96 -6.95 2.38
C LYS A 91 -31.82 -6.81 3.41
N ASN A 92 -31.80 -7.68 4.42
CA ASN A 92 -30.69 -7.75 5.37
C ASN A 92 -29.43 -8.16 4.63
N GLU A 93 -28.40 -7.32 4.70
CA GLU A 93 -27.14 -7.57 4.03
C GLU A 93 -25.96 -7.35 4.98
N PRO A 94 -25.64 -8.37 5.79
CA PRO A 94 -24.59 -8.26 6.80
C PRO A 94 -23.32 -7.68 6.22
N ILE A 95 -22.81 -6.64 6.87
CA ILE A 95 -21.60 -5.94 6.45
C ILE A 95 -20.38 -6.77 6.87
N PRO A 96 -19.47 -7.07 5.94
CA PRO A 96 -18.31 -7.87 6.30
C PRO A 96 -17.32 -7.09 7.16
N VAL A 97 -16.78 -7.74 8.19
CA VAL A 97 -15.94 -7.08 9.18
C VAL A 97 -14.62 -7.84 9.40
N ILE A 98 -13.56 -7.08 9.67
CA ILE A 98 -12.33 -7.62 10.25
C ILE A 98 -12.13 -6.92 11.60
N LEU A 99 -11.76 -7.67 12.63
CA LEU A 99 -11.47 -7.09 13.94
C LEU A 99 -9.97 -6.99 14.18
N THR A 100 -9.53 -5.83 14.68
CA THR A 100 -8.14 -5.68 15.08
C THR A 100 -8.01 -6.28 16.47
N VAL A 101 -7.28 -7.39 16.57
CA VAL A 101 -7.25 -8.15 17.82
C VAL A 101 -5.91 -8.08 18.54
N TYR A 102 -4.87 -7.66 17.81
CA TYR A 102 -3.52 -7.61 18.35
C TYR A 102 -2.78 -6.39 17.80
N THR A 103 -2.15 -5.65 18.69
CA THR A 103 -1.33 -4.52 18.31
C THR A 103 -0.51 -4.08 19.51
N ALA A 104 0.63 -3.45 19.24
CA ALA A 104 1.51 -2.97 20.31
C ALA A 104 1.84 -4.06 21.32
N GLY A 105 2.10 -5.28 20.82
CA GLY A 105 2.36 -6.45 21.65
C GLY A 105 1.23 -6.83 22.61
N ASN A 106 0.03 -6.27 22.38
CA ASN A 106 -1.10 -6.40 23.31
C ASN A 106 -0.73 -6.12 24.77
N MET A 107 0.23 -5.21 24.97
CA MET A 107 0.61 -4.78 26.32
C MET A 107 -0.58 -4.07 26.96
N PRO A 108 -0.90 -4.39 28.24
CA PRO A 108 -2.06 -3.81 28.91
C PRO A 108 -1.90 -2.31 29.12
N TYR A 109 -0.67 -1.82 29.05
CA TYR A 109 -0.41 -0.39 29.10
C TYR A 109 -0.47 0.32 27.74
N TYR A 110 -0.65 -0.44 26.66
CA TYR A 110 -0.71 0.15 25.30
C TYR A 110 -2.05 -0.01 24.61
N THR A 111 -2.78 -1.08 24.89
CA THR A 111 -4.01 -1.31 24.12
C THR A 111 -5.07 -2.12 24.85
N SER A 112 -6.32 -1.71 24.62
CA SER A 112 -7.49 -2.41 25.11
C SER A 112 -7.64 -3.77 24.46
N ALA A 113 -6.94 -3.99 23.35
CA ALA A 113 -6.99 -5.28 22.64
C ALA A 113 -6.42 -6.43 23.46
N HIS A 114 -5.63 -6.11 24.48
CA HIS A 114 -5.10 -7.13 25.40
C HIS A 114 -6.22 -8.03 25.95
N TRP A 115 -7.38 -7.44 26.24
CA TRP A 115 -8.51 -8.16 26.87
C TRP A 115 -9.51 -8.76 25.85
N LEU A 116 -8.96 -9.28 24.76
CA LEU A 116 -9.74 -10.03 23.78
C LEU A 116 -9.15 -11.42 23.70
N SER A 117 -9.82 -12.39 24.33
CA SER A 117 -9.30 -13.76 24.35
C SER A 117 -9.57 -14.46 23.03
N THR A 118 -8.80 -15.51 22.76
N THR A 118 -8.81 -15.51 22.74
CA THR A 118 -9.00 -16.34 21.58
CA THR A 118 -9.07 -16.30 21.52
C THR A 118 -10.35 -17.07 21.64
C THR A 118 -10.40 -17.03 21.64
N SER A 119 -10.76 -17.42 22.85
CA SER A 119 -12.06 -18.00 23.13
C SER A 119 -13.19 -17.05 22.69
N TRP A 120 -13.04 -15.76 23.02
CA TRP A 120 -14.01 -14.74 22.60
C TRP A 120 -14.00 -14.56 21.08
N ILE A 121 -12.81 -14.53 20.48
CA ILE A 121 -12.70 -14.44 19.02
C ILE A 121 -13.46 -15.62 18.36
N ASP A 122 -13.26 -16.83 18.87
CA ASP A 122 -13.91 -18.04 18.38
C ASP A 122 -15.43 -17.92 18.45
N LYS A 123 -15.90 -17.46 19.62
CA LYS A 123 -17.31 -17.13 19.84
C LYS A 123 -17.90 -16.15 18.79
N MET A 124 -17.17 -15.07 18.51
CA MET A 124 -17.63 -14.07 17.53
C MET A 124 -17.66 -14.64 16.10
N TYR A 125 -16.66 -15.44 15.76
CA TYR A 125 -16.64 -16.11 14.46
C TYR A 125 -17.90 -16.97 14.29
N GLN A 126 -18.25 -17.71 15.34
CA GLN A 126 -19.40 -18.62 15.30
C GLN A 126 -20.73 -17.86 15.31
N LYS A 127 -20.76 -16.71 15.96
CA LYS A 127 -21.98 -15.91 16.02
C LYS A 127 -22.20 -15.11 14.74
N TYR A 128 -21.11 -14.68 14.10
CA TYR A 128 -21.19 -13.69 13.03
C TYR A 128 -20.55 -14.19 11.73
N PRO A 129 -21.36 -14.72 10.80
CA PRO A 129 -20.79 -15.18 9.53
C PRO A 129 -20.14 -14.04 8.75
N ASN A 130 -20.56 -12.81 9.01
CA ASN A 130 -19.95 -11.63 8.39
C ASN A 130 -18.61 -11.21 9.02
N LEU A 131 -18.17 -11.88 10.09
CA LEU A 131 -16.81 -11.69 10.58
C LEU A 131 -15.86 -12.49 9.70
N HIS A 132 -15.12 -11.80 8.82
CA HIS A 132 -14.33 -12.49 7.80
C HIS A 132 -12.89 -12.72 8.21
N GLY A 133 -12.45 -12.03 9.26
CA GLY A 133 -11.06 -12.17 9.69
C GLY A 133 -10.69 -11.31 10.88
N ILE A 134 -9.46 -11.49 11.33
CA ILE A 134 -8.90 -10.78 12.48
C ILE A 134 -7.52 -10.24 12.11
N PHE A 135 -7.11 -9.14 12.75
CA PHE A 135 -5.99 -8.32 12.28
C PHE A 135 -5.02 -8.06 13.42
N SER A 136 -3.74 -8.33 13.16
CA SER A 136 -2.67 -8.02 14.07
C SER A 136 -1.82 -6.97 13.36
N THR A 137 -1.50 -5.87 14.03
CA THR A 137 -0.75 -4.79 13.39
C THR A 137 0.25 -4.09 14.32
N ALA A 138 1.47 -3.87 13.84
CA ALA A 138 2.44 -2.99 14.47
C ALA A 138 2.89 -3.37 15.87
N SER A 139 3.48 -4.56 16.02
CA SER A 139 4.23 -4.89 17.24
C SER A 139 5.75 -4.97 17.01
N TYR A 140 6.25 -4.55 15.84
CA TYR A 140 7.70 -4.61 15.55
C TYR A 140 8.52 -3.90 16.63
N TRP A 141 7.94 -2.83 17.18
CA TRP A 141 8.60 -1.94 18.16
C TRP A 141 8.40 -2.39 19.60
N ILE A 142 7.57 -3.42 19.79
CA ILE A 142 7.32 -3.99 21.13
C ILE A 142 7.04 -5.49 20.96
N TRP A 143 8.12 -6.23 20.74
CA TRP A 143 8.01 -7.63 20.34
C TRP A 143 7.80 -8.48 21.59
N ALA A 144 6.54 -8.59 22.00
CA ALA A 144 6.15 -9.28 23.22
C ALA A 144 6.68 -10.72 23.31
N ASN A 145 6.96 -11.18 24.53
CA ASN A 145 7.52 -12.51 24.76
C ASN A 145 6.76 -13.69 24.18
N ASP A 146 5.46 -13.56 24.02
CA ASP A 146 4.62 -14.65 23.52
C ASP A 146 3.92 -14.33 22.18
N ILE A 147 4.43 -13.33 21.47
CA ILE A 147 3.80 -12.88 20.23
C ILE A 147 3.61 -14.02 19.21
N GLU A 148 4.64 -14.84 19.02
CA GLU A 148 4.59 -15.97 18.07
C GLU A 148 3.57 -17.03 18.50
N ASN A 149 3.57 -17.39 19.78
CA ASN A 149 2.54 -18.29 20.34
C ASN A 149 1.13 -17.74 20.11
N LYS A 150 0.95 -16.43 20.34
CA LYS A 150 -0.38 -15.83 20.18
C LYS A 150 -0.80 -15.77 18.72
N ALA A 151 0.17 -15.54 17.82
CA ALA A 151 -0.12 -15.50 16.38
C ALA A 151 -0.56 -16.87 15.87
N ALA A 152 0.09 -17.92 16.37
CA ALA A 152 -0.30 -19.31 16.07
C ALA A 152 -1.77 -19.55 16.42
N ASP A 153 -2.20 -19.09 17.60
CA ASP A 153 -3.59 -19.22 18.04
C ASP A 153 -4.59 -18.43 17.17
N TYR A 154 -4.19 -17.21 16.79
CA TYR A 154 -5.01 -16.38 15.89
C TYR A 154 -5.18 -17.04 14.53
N LEU A 155 -4.10 -17.58 13.99
CA LEU A 155 -4.17 -18.26 12.71
C LEU A 155 -5.05 -19.49 12.84
N LYS A 156 -4.84 -20.26 13.90
CA LYS A 156 -5.62 -21.50 14.09
C LYS A 156 -7.11 -21.25 14.32
N VAL A 157 -7.47 -20.29 15.17
CA VAL A 157 -8.89 -19.99 15.38
C VAL A 157 -9.54 -19.47 14.09
N SER A 158 -8.76 -18.76 13.26
CA SER A 158 -9.26 -18.28 11.96
C SER A 158 -9.52 -19.44 11.02
N ALA A 159 -8.54 -20.34 10.90
CA ALA A 159 -8.65 -21.51 10.04
C ALA A 159 -9.84 -22.37 10.45
N LYS A 160 -10.00 -22.53 11.77
CA LYS A 160 -11.10 -23.30 12.35
C LYS A 160 -12.44 -22.82 11.84
N ASN A 161 -12.52 -21.52 11.55
CA ASN A 161 -13.78 -20.88 11.21
C ASN A 161 -13.89 -20.44 9.76
N GLY A 162 -12.85 -20.68 8.98
CA GLY A 162 -12.84 -20.29 7.58
C GLY A 162 -12.55 -18.81 7.39
N GLY A 163 -12.12 -18.14 8.46
CA GLY A 163 -11.75 -16.72 8.35
C GLY A 163 -10.26 -16.56 8.09
N TYR A 164 -9.82 -15.32 7.89
CA TYR A 164 -8.40 -15.03 7.68
C TYR A 164 -7.75 -14.38 8.90
N PHE A 165 -6.53 -14.80 9.21
CA PHE A 165 -5.66 -14.04 10.12
C PHE A 165 -4.79 -13.14 9.24
N ILE A 166 -4.87 -11.84 9.48
CA ILE A 166 -4.10 -10.84 8.73
C ILE A 166 -3.09 -10.17 9.65
N TRP A 167 -1.81 -10.17 9.27
CA TRP A 167 -0.76 -9.64 10.13
C TRP A 167 0.04 -8.61 9.32
N ALA A 168 -0.02 -7.35 9.74
CA ALA A 168 0.81 -6.28 9.15
C ALA A 168 1.99 -5.96 10.07
N GLU A 169 3.20 -6.11 9.54
CA GLU A 169 4.37 -5.96 10.36
C GLU A 169 5.50 -5.46 9.48
N GLN A 170 6.47 -4.73 10.05
CA GLN A 170 7.64 -4.27 9.30
C GLN A 170 8.89 -4.90 9.90
N ASN A 171 9.91 -5.16 9.07
CA ASN A 171 11.12 -5.86 9.55
C ASN A 171 12.07 -4.97 10.33
N VAL A 172 11.53 -4.29 11.35
CA VAL A 172 12.32 -3.57 12.34
C VAL A 172 12.74 -4.58 13.40
N GLY A 173 14.03 -4.60 13.73
CA GLY A 173 14.56 -5.53 14.71
C GLY A 173 14.23 -6.98 14.37
N SER A 174 14.37 -7.34 13.10
CA SER A 174 14.18 -8.72 12.62
C SER A 174 12.76 -9.27 12.82
N ALA A 175 11.76 -8.41 12.97
CA ALA A 175 10.39 -8.85 13.27
C ALA A 175 9.90 -10.01 12.40
N ILE A 176 10.06 -9.91 11.09
CA ILE A 176 9.50 -10.91 10.19
C ILE A 176 10.24 -12.23 10.36
N GLU A 177 11.55 -12.12 10.55
CA GLU A 177 12.43 -13.27 10.75
C GLU A 177 12.07 -13.98 12.06
N LYS A 178 11.92 -13.20 13.13
CA LYS A 178 11.50 -13.72 14.43
C LYS A 178 10.14 -14.38 14.39
N ALA A 179 9.22 -13.78 13.63
CA ALA A 179 7.84 -14.30 13.53
C ALA A 179 7.83 -15.75 13.06
N PHE A 180 8.74 -16.04 12.13
CA PHE A 180 8.82 -17.36 11.52
C PHE A 180 9.79 -18.30 12.22
N GLY A 181 10.39 -17.80 13.30
CA GLY A 181 11.11 -18.64 14.24
C GLY A 181 12.61 -18.44 14.33
N LYS A 182 13.13 -17.31 13.83
CA LYS A 182 14.57 -17.04 13.87
C LYS A 182 15.22 -17.22 15.26
N ASN A 183 14.60 -16.66 16.29
CA ASN A 183 15.14 -16.77 17.64
C ASN A 183 14.61 -17.97 18.42
N GLY A 184 14.05 -18.94 17.70
CA GLY A 184 13.63 -20.20 18.30
C GLY A 184 12.19 -20.25 18.82
N LYS A 185 11.42 -19.19 18.59
CA LYS A 185 10.01 -19.19 18.95
C LYS A 185 9.25 -19.68 17.73
N ILE A 186 9.06 -21.00 17.64
CA ILE A 186 8.63 -21.63 16.38
C ILE A 186 7.14 -21.96 16.26
N ALA A 187 6.33 -21.52 17.23
CA ALA A 187 4.89 -21.84 17.23
C ALA A 187 4.15 -21.36 15.96
N PHE A 188 4.47 -20.16 15.51
CA PHE A 188 3.77 -19.60 14.34
C PHE A 188 4.27 -20.26 13.07
N GLN A 189 5.56 -20.58 13.04
CA GLN A 189 6.13 -21.36 11.93
C GLN A 189 5.35 -22.67 11.74
N LYS A 190 5.12 -23.40 12.83
CA LYS A 190 4.40 -24.67 12.78
C LYS A 190 2.93 -24.48 12.40
N SER A 191 2.31 -23.42 12.91
CA SER A 191 0.93 -23.07 12.58
C SER A 191 0.82 -22.85 11.07
N VAL A 192 1.76 -22.10 10.53
CA VAL A 192 1.80 -21.75 9.11
C VAL A 192 1.95 -22.99 8.24
N ASP A 193 2.74 -23.95 8.70
CA ASP A 193 2.89 -25.22 7.99
C ASP A 193 1.52 -25.87 7.71
N LYS A 194 0.62 -25.81 8.69
CA LYS A 194 -0.75 -26.36 8.56
C LYS A 194 -1.75 -25.38 7.95
N TYR A 195 -1.68 -24.11 8.32
CA TYR A 195 -2.81 -23.19 8.08
C TYR A 195 -2.53 -21.98 7.16
N TRP A 196 -1.46 -22.05 6.37
CA TRP A 196 -1.04 -20.92 5.54
C TRP A 196 -2.11 -20.39 4.60
N LYS A 197 -3.02 -21.26 4.15
CA LYS A 197 -4.10 -20.85 3.25
C LYS A 197 -5.07 -19.86 3.90
N ASN A 198 -5.01 -19.72 5.23
CA ASN A 198 -5.81 -18.72 5.94
C ASN A 198 -5.00 -17.52 6.44
N LEU A 199 -3.73 -17.42 6.05
CA LEU A 199 -2.89 -16.31 6.49
C LEU A 199 -2.71 -15.26 5.39
N ILE A 200 -2.82 -14.00 5.78
CA ILE A 200 -2.41 -12.89 4.91
C ILE A 200 -1.29 -12.15 5.65
N PHE A 201 -0.17 -11.93 4.97
CA PHE A 201 0.91 -11.15 5.58
C PHE A 201 1.13 -9.85 4.83
N MET A 202 1.24 -8.75 5.57
CA MET A 202 1.39 -7.43 4.96
C MET A 202 2.57 -6.68 5.55
N PHE A 203 3.18 -5.82 4.74
CA PHE A 203 4.14 -4.86 5.29
C PHE A 203 3.38 -3.75 6.02
N LYS A 204 4.07 -2.98 6.86
CA LYS A 204 3.49 -1.80 7.48
C LYS A 204 4.56 -0.72 7.44
N ASN A 205 4.48 0.20 6.48
CA ASN A 205 5.66 1.03 6.17
C ASN A 205 5.90 2.25 7.05
N THR A 206 5.07 2.40 8.08
CA THR A 206 5.19 3.43 9.12
C THR A 206 6.60 3.82 9.64
N PRO A 207 7.40 2.84 10.14
CA PRO A 207 8.69 3.23 10.77
C PRO A 207 9.76 3.53 9.70
N ALA A 208 9.50 4.55 8.90
CA ALA A 208 10.27 4.80 7.68
C ALA A 208 11.73 5.19 7.94
N ALA A 209 11.99 5.78 9.11
CA ALA A 209 13.34 6.21 9.47
C ALA A 209 14.26 5.00 9.59
N GLU A 210 13.70 3.82 9.81
CA GLU A 210 14.51 2.60 9.90
C GLU A 210 14.82 1.96 8.54
N GLY A 211 14.10 2.41 7.51
CA GLY A 211 14.40 2.06 6.11
C GLY A 211 14.21 0.62 5.68
N ASN A 212 13.30 -0.10 6.33
CA ASN A 212 13.06 -1.53 6.02
C ASN A 212 11.98 -1.79 4.94
N ASP A 213 11.67 -0.77 4.16
CA ASP A 213 10.60 -0.92 3.17
C ASP A 213 10.90 -2.02 2.16
N SER A 214 12.05 -1.92 1.51
CA SER A 214 12.41 -2.84 0.44
C SER A 214 12.54 -4.27 0.94
N THR A 215 13.15 -4.42 2.10
CA THR A 215 13.40 -5.76 2.61
C THR A 215 12.11 -6.40 3.13
N THR A 216 11.24 -5.64 3.79
CA THR A 216 9.97 -6.21 4.24
C THR A 216 9.11 -6.61 3.04
N GLU A 217 9.05 -5.77 2.02
CA GLU A 217 8.20 -6.09 0.86
C GLU A 217 8.72 -7.32 0.12
N SER A 218 10.06 -7.42 0.01
CA SER A 218 10.74 -8.61 -0.51
C SER A 218 10.34 -9.87 0.25
N TYR A 219 10.33 -9.82 1.59
CA TYR A 219 9.83 -10.97 2.37
C TYR A 219 8.37 -11.31 2.07
N MET A 220 7.51 -10.29 2.06
CA MET A 220 6.07 -10.52 1.88
C MET A 220 5.83 -11.25 0.58
N LYS A 221 6.51 -10.79 -0.48
CA LYS A 221 6.44 -11.43 -1.79
C LYS A 221 6.99 -12.86 -1.77
N GLY A 222 8.14 -13.05 -1.11
CA GLY A 222 8.76 -14.38 -1.08
C GLY A 222 8.00 -15.37 -0.22
N LEU A 223 7.44 -14.90 0.90
CA LEU A 223 6.60 -15.73 1.75
C LEU A 223 5.42 -16.28 0.95
N TRP A 224 4.79 -15.40 0.16
CA TRP A 224 3.67 -15.75 -0.72
C TRP A 224 4.07 -16.77 -1.79
N LEU A 225 5.16 -16.50 -2.49
CA LEU A 225 5.60 -17.37 -3.57
C LEU A 225 6.05 -18.74 -3.06
N SER A 226 6.44 -18.81 -1.79
CA SER A 226 6.90 -20.07 -1.24
C SER A 226 5.83 -20.79 -0.40
N ASN A 227 4.57 -20.34 -0.53
CA ASN A 227 3.43 -20.93 0.20
C ASN A 227 3.51 -20.82 1.74
N HIS A 228 4.15 -19.76 2.25
CA HIS A 228 4.11 -19.46 3.68
C HIS A 228 3.01 -18.48 4.06
N THR A 229 2.32 -17.96 3.05
CA THR A 229 1.15 -17.13 3.24
C THR A 229 0.28 -17.27 1.99
N TYR A 230 -1.03 -17.13 2.18
CA TYR A 230 -1.99 -17.32 1.10
C TYR A 230 -1.96 -16.17 0.08
N GLN A 231 -1.85 -14.95 0.59
CA GLN A 231 -1.64 -13.73 -0.20
C GLN A 231 -0.88 -12.74 0.67
N TRP A 232 -0.52 -11.62 0.07
CA TRP A 232 0.19 -10.56 0.76
C TRP A 232 -0.30 -9.18 0.33
N GLY A 233 0.13 -8.18 1.07
CA GLY A 233 -0.19 -6.81 0.74
C GLY A 233 0.66 -5.87 1.55
N GLY A 234 0.20 -4.63 1.67
CA GLY A 234 0.89 -3.65 2.50
C GLY A 234 -0.03 -2.63 3.09
N LEU A 235 0.38 -2.11 4.25
CA LEU A 235 -0.28 -0.97 4.81
C LEU A 235 0.70 0.16 4.56
N MET A 236 0.21 1.18 3.84
CA MET A 236 1.02 2.30 3.42
C MET A 236 0.58 3.51 4.26
N ASP A 237 1.54 4.15 4.90
CA ASP A 237 1.21 5.05 6.00
C ASP A 237 1.75 6.46 5.80
N THR A 238 0.86 7.46 5.74
CA THR A 238 1.32 8.84 5.56
C THR A 238 2.10 9.39 6.77
N TRP A 239 1.98 8.74 7.93
CA TRP A 239 2.86 9.00 9.09
C TRP A 239 4.35 8.82 8.78
N LYS A 240 4.70 8.22 7.63
CA LYS A 240 6.11 8.10 7.25
C LYS A 240 6.80 9.47 7.17
N TRP A 241 6.02 10.50 6.81
CA TRP A 241 6.50 11.90 6.71
C TRP A 241 6.95 12.45 8.06
N TYR A 242 6.20 12.08 9.11
CA TYR A 242 6.53 12.36 10.50
C TYR A 242 7.77 11.60 10.94
N GLU A 243 7.79 10.29 10.69
CA GLU A 243 8.90 9.44 11.16
C GLU A 243 10.25 9.89 10.59
N THR A 244 10.23 10.41 9.38
CA THR A 244 11.47 10.82 8.70
C THR A 244 11.77 12.30 8.86
N GLY A 245 10.92 13.02 9.58
CA GLY A 245 11.16 14.42 9.91
C GLY A 245 10.98 15.46 8.82
N LYS A 246 10.24 15.10 7.76
N LYS A 246 10.23 15.11 7.78
CA LYS A 246 9.95 16.03 6.68
CA LYS A 246 9.95 16.05 6.70
C LYS A 246 8.92 17.06 7.12
C LYS A 246 8.90 17.06 7.12
N TRP A 247 8.88 18.21 6.44
CA TRP A 247 7.87 19.21 6.71
C TRP A 247 7.27 19.68 5.40
N LYS A 248 7.31 20.98 5.12
CA LYS A 248 6.70 21.55 3.91
C LYS A 248 7.31 20.89 2.67
N LEU A 249 6.47 20.57 1.68
CA LEU A 249 6.90 19.88 0.46
C LEU A 249 8.04 20.63 -0.21
N PHE A 250 9.12 19.90 -0.51
CA PHE A 250 10.33 20.40 -1.17
C PHE A 250 11.22 21.32 -0.34
N ALA A 251 10.80 21.67 0.88
CA ALA A 251 11.56 22.59 1.74
C ALA A 251 12.85 21.94 2.24
N SER A 252 13.86 22.73 2.58
CA SER A 252 15.07 22.11 3.08
C SER A 252 15.02 22.06 4.59
N GLY A 253 15.82 21.18 5.18
CA GLY A 253 15.84 21.05 6.63
C GLY A 253 14.96 19.91 7.12
N ASN A 254 15.36 19.36 8.27
CA ASN A 254 14.65 18.25 8.89
C ASN A 254 14.16 18.71 10.25
N ILE A 255 12.88 18.45 10.55
CA ILE A 255 12.28 18.93 11.80
C ILE A 255 12.17 17.80 12.85
N GLY A 256 12.60 16.60 12.47
CA GLY A 256 12.44 15.39 13.29
C GLY A 256 10.97 15.08 13.53
N LYS A 257 10.71 14.33 14.61
CA LYS A 257 9.36 13.90 14.95
C LYS A 257 8.67 14.94 15.85
N SER A 258 8.45 16.14 15.32
CA SER A 258 8.09 17.26 16.16
C SER A 258 6.72 17.86 15.88
N GLN A 259 6.15 17.50 14.73
CA GLN A 259 4.88 18.10 14.30
C GLN A 259 3.97 17.02 13.72
N GLY A 260 3.74 15.96 14.51
CA GLY A 260 3.09 14.75 14.02
C GLY A 260 1.88 15.01 13.14
N ASP A 261 0.97 15.84 13.62
CA ASP A 261 -0.33 15.96 12.96
C ASP A 261 -0.34 16.80 11.67
N ARG A 262 0.56 17.78 11.57
CA ARG A 262 0.82 18.44 10.29
C ARG A 262 1.53 17.50 9.31
N GLN A 263 2.42 16.66 9.85
CA GLN A 263 3.28 15.84 9.03
C GLN A 263 2.53 14.72 8.32
N TRP A 264 1.58 14.08 9.00
CA TRP A 264 0.85 12.98 8.37
C TRP A 264 -0.16 13.40 7.31
N LEU A 265 -0.42 14.71 7.23
CA LEU A 265 -1.22 15.30 6.17
C LEU A 265 -0.44 15.65 4.89
N THR A 266 0.88 15.72 4.97
CA THR A 266 1.69 16.38 3.91
C THR A 266 2.13 15.50 2.73
N GLU A 267 2.23 14.18 2.93
CA GLU A 267 2.64 13.31 1.83
C GLU A 267 1.75 13.55 0.61
N PRO A 268 2.36 13.80 -0.56
CA PRO A 268 1.55 13.99 -1.77
C PRO A 268 0.57 12.83 -2.00
N GLU A 269 -0.66 13.15 -2.39
CA GLU A 269 -1.71 12.14 -2.58
C GLU A 269 -1.29 11.04 -3.56
N SER A 270 -0.76 11.46 -4.71
CA SER A 270 -0.35 10.52 -5.75
C SER A 270 0.78 9.59 -5.33
N MET A 271 1.59 10.01 -4.35
CA MET A 271 2.67 9.16 -3.86
C MET A 271 2.14 7.87 -3.25
N LEU A 272 0.94 7.91 -2.65
CA LEU A 272 0.30 6.68 -2.14
C LEU A 272 0.06 5.65 -3.24
N GLY A 273 -0.34 6.13 -4.43
CA GLY A 273 -0.47 5.29 -5.62
C GLY A 273 0.85 4.69 -6.07
N GLU A 274 1.92 5.49 -6.04
CA GLU A 274 3.29 5.00 -6.32
C GLU A 274 3.68 3.86 -5.37
N GLU A 275 3.42 4.05 -4.08
CA GLU A 275 3.63 2.98 -3.09
C GLU A 275 2.79 1.74 -3.42
N ALA A 276 1.50 1.94 -3.72
CA ALA A 276 0.59 0.82 -3.98
C ALA A 276 0.96 0.03 -5.23
N LEU A 277 1.56 0.70 -6.22
CA LEU A 277 2.07 0.02 -7.41
C LEU A 277 3.07 -1.10 -7.09
N GLY A 278 3.92 -0.89 -6.09
CA GLY A 278 4.85 -1.92 -5.65
C GLY A 278 4.17 -3.17 -5.11
N VAL A 279 2.97 -3.02 -4.55
CA VAL A 279 2.16 -4.19 -4.13
C VAL A 279 1.61 -4.91 -5.38
N TYR A 280 0.84 -4.17 -6.18
CA TYR A 280 0.17 -4.70 -7.36
C TYR A 280 1.11 -5.36 -8.34
N LEU A 281 2.17 -4.64 -8.70
CA LEU A 281 3.10 -5.08 -9.73
C LEU A 281 3.83 -6.36 -9.34
N ASN A 282 3.76 -6.70 -8.07
CA ASN A 282 4.47 -7.87 -7.55
C ASN A 282 3.56 -8.97 -7.01
N GLY A 283 2.29 -8.91 -7.41
CA GLY A 283 1.31 -9.95 -7.07
C GLY A 283 0.59 -9.79 -5.74
N GLY A 284 0.83 -8.68 -5.04
CA GLY A 284 0.11 -8.38 -3.79
C GLY A 284 -1.30 -7.98 -4.14
N VAL A 285 -2.23 -8.20 -3.20
CA VAL A 285 -3.67 -8.01 -3.46
C VAL A 285 -4.44 -7.41 -2.29
N VAL A 286 -3.75 -7.14 -1.18
CA VAL A 286 -4.37 -6.55 -0.01
C VAL A 286 -3.82 -5.15 0.29
N TYR A 287 -4.72 -4.19 0.46
CA TYR A 287 -4.37 -2.78 0.63
C TYR A 287 -4.97 -2.20 1.89
N ASN A 288 -4.17 -1.43 2.62
CA ASN A 288 -4.65 -0.73 3.80
C ASN A 288 -3.81 0.53 3.95
N PHE A 289 -4.34 1.53 4.63
CA PHE A 289 -3.69 2.84 4.71
C PHE A 289 -3.89 3.49 6.07
N GLU A 290 -2.90 4.28 6.47
CA GLU A 290 -3.06 5.29 7.53
C GLU A 290 -2.45 6.61 7.01
N HIS A 291 -2.77 7.77 7.60
CA HIS A 291 -3.75 7.98 8.66
C HIS A 291 -5.13 7.94 7.99
N PRO A 292 -6.12 7.27 8.62
CA PRO A 292 -7.43 7.06 7.96
C PRO A 292 -8.16 8.33 7.56
N ALA A 293 -7.99 9.43 8.30
CA ALA A 293 -8.76 10.63 8.03
C ALA A 293 -8.31 11.26 6.72
N TYR A 294 -7.01 11.13 6.42
CA TYR A 294 -6.45 11.66 5.19
C TYR A 294 -6.64 10.67 4.04
N THR A 295 -6.29 9.41 4.29
CA THR A 295 -6.30 8.40 3.24
C THR A 295 -7.69 7.93 2.84
N TYR A 296 -8.65 7.98 3.77
CA TYR A 296 -10.02 7.53 3.45
C TYR A 296 -11.04 8.65 3.52
N GLY A 297 -11.02 9.42 4.62
CA GLY A 297 -11.97 10.51 4.78
C GLY A 297 -12.55 10.59 6.18
N VAL A 298 -13.56 11.45 6.34
CA VAL A 298 -14.20 11.70 7.61
C VAL A 298 -15.69 11.86 7.39
N ASN A 299 -16.48 11.66 8.45
CA ASN A 299 -17.92 11.95 8.42
C ASN A 299 -18.65 11.28 7.27
N ASN A 300 -18.26 10.04 6.97
CA ASN A 300 -18.85 9.24 5.91
C ASN A 300 -18.63 9.79 4.50
N LYS A 301 -17.66 10.71 4.38
CA LYS A 301 -17.28 11.32 3.10
C LYS A 301 -15.88 10.90 2.68
N GLU A 302 -15.70 10.62 1.39
CA GLU A 302 -14.37 10.28 0.86
C GLU A 302 -13.45 11.50 0.84
N SER A 303 -12.23 11.35 1.33
CA SER A 303 -11.20 12.37 1.09
C SER A 303 -10.84 12.38 -0.39
N LEU A 304 -10.23 13.48 -0.86
CA LEU A 304 -9.77 13.57 -2.26
C LEU A 304 -8.63 12.58 -2.55
N LEU A 305 -7.74 12.36 -1.58
CA LEU A 305 -6.77 11.28 -1.71
C LEU A 305 -7.49 9.95 -2.02
N PHE A 306 -8.51 9.64 -1.23
CA PHE A 306 -9.26 8.40 -1.50
C PHE A 306 -9.95 8.43 -2.87
N SER A 307 -10.71 9.49 -3.14
CA SER A 307 -11.54 9.49 -4.36
C SER A 307 -10.71 9.57 -5.64
N GLU A 308 -9.63 10.33 -5.60
CA GLU A 308 -8.89 10.59 -6.84
C GLU A 308 -7.69 9.67 -7.05
N VAL A 309 -7.22 9.05 -5.97
CA VAL A 309 -6.04 8.19 -6.07
C VAL A 309 -6.35 6.74 -5.70
N ILE A 310 -6.67 6.50 -4.43
CA ILE A 310 -6.81 5.13 -3.92
C ILE A 310 -7.97 4.39 -4.57
N LYS A 311 -9.15 5.04 -4.62
CA LYS A 311 -10.33 4.41 -5.21
C LYS A 311 -10.10 3.99 -6.66
N GLU A 312 -9.49 4.89 -7.42
CA GLU A 312 -9.27 4.67 -8.84
C GLU A 312 -8.17 3.63 -9.05
N PHE A 313 -7.13 3.68 -8.23
CA PHE A 313 -6.11 2.65 -8.28
C PHE A 313 -6.71 1.27 -7.95
N PHE A 314 -7.57 1.20 -6.93
CA PHE A 314 -8.17 -0.08 -6.54
C PHE A 314 -9.08 -0.58 -7.66
N ARG A 315 -9.84 0.33 -8.28
CA ARG A 315 -10.65 -0.05 -9.43
C ARG A 315 -9.79 -0.61 -10.56
N TYR A 316 -8.61 -0.05 -10.76
CA TYR A 316 -7.63 -0.59 -11.73
C TYR A 316 -7.21 -2.04 -11.42
N VAL A 317 -6.87 -2.32 -10.16
CA VAL A 317 -6.38 -3.68 -9.81
C VAL A 317 -7.50 -4.73 -9.82
N ILE A 318 -8.75 -4.29 -9.74
CA ILE A 318 -9.93 -5.16 -9.95
C ILE A 318 -10.15 -5.42 -11.44
N ALA A 319 -10.02 -4.38 -12.25
CA ALA A 319 -10.20 -4.50 -13.71
C ALA A 319 -9.05 -5.25 -14.39
N HIS A 320 -7.87 -5.16 -13.80
CA HIS A 320 -6.69 -5.82 -14.33
C HIS A 320 -6.04 -6.60 -13.19
N PRO A 321 -6.49 -7.84 -12.95
CA PRO A 321 -5.96 -8.58 -11.81
C PRO A 321 -4.44 -8.62 -11.81
N ALA A 322 -3.88 -8.47 -10.61
CA ALA A 322 -2.43 -8.57 -10.38
C ALA A 322 -1.88 -9.86 -11.00
N PRO A 323 -0.56 -9.91 -11.31
CA PRO A 323 -0.02 -11.19 -11.79
C PRO A 323 -0.29 -12.32 -10.80
N SER A 324 -0.66 -13.50 -11.30
CA SER A 324 -0.93 -14.66 -10.46
C SER A 324 0.37 -15.14 -9.81
N LYS A 325 0.25 -15.96 -8.77
CA LYS A 325 1.44 -16.59 -8.20
C LYS A 325 2.23 -17.36 -9.26
N GLU A 326 1.51 -18.10 -10.11
CA GLU A 326 2.11 -18.85 -11.22
C GLU A 326 2.92 -17.93 -12.11
N LYS A 327 2.30 -16.83 -12.55
CA LYS A 327 2.98 -15.86 -13.40
C LYS A 327 4.24 -15.26 -12.73
N VAL A 328 4.12 -14.85 -11.47
CA VAL A 328 5.22 -14.20 -10.77
C VAL A 328 6.40 -15.19 -10.62
N LEU A 329 6.07 -16.43 -10.31
CA LEU A 329 7.07 -17.50 -10.20
C LEU A 329 7.80 -17.75 -11.50
N GLU A 330 7.04 -17.78 -12.59
CA GLU A 330 7.60 -17.92 -13.94
C GLU A 330 8.63 -16.83 -14.26
N ASP A 331 8.31 -15.58 -13.92
CA ASP A 331 9.19 -14.44 -14.21
C ASP A 331 10.36 -14.29 -13.21
N THR A 332 10.28 -14.93 -12.05
CA THR A 332 11.30 -14.77 -11.00
C THR A 332 12.60 -15.47 -11.41
N LYS A 333 13.69 -14.72 -11.43
CA LYS A 333 14.99 -15.25 -11.84
C LYS A 333 15.88 -15.54 -10.64
N VAL A 334 15.72 -14.75 -9.56
CA VAL A 334 16.50 -14.88 -8.33
C VAL A 334 15.55 -14.89 -7.12
N PHE A 335 15.78 -15.81 -6.18
CA PHE A 335 14.99 -15.88 -4.96
C PHE A 335 15.94 -16.00 -3.77
N ILE A 336 15.92 -15.02 -2.87
CA ILE A 336 16.88 -14.95 -1.77
C ILE A 336 16.41 -15.76 -0.56
N HIS A 337 17.31 -16.54 0.03
CA HIS A 337 17.06 -17.25 1.28
C HIS A 337 18.05 -16.80 2.34
N GLY A 338 17.54 -16.17 3.40
CA GLY A 338 18.38 -15.61 4.44
C GLY A 338 17.80 -14.34 5.08
N ASP A 339 18.54 -13.82 6.08
CA ASP A 339 18.10 -12.74 6.95
C ASP A 339 18.65 -11.40 6.53
N TYR A 340 17.79 -10.52 6.00
CA TYR A 340 18.19 -9.14 5.70
C TYR A 340 18.80 -8.39 6.90
N SER A 341 18.43 -8.80 8.11
CA SER A 341 18.98 -8.22 9.35
C SER A 341 20.48 -8.40 9.48
N ASN A 342 21.00 -9.46 8.84
CA ASN A 342 22.44 -9.73 8.82
C ASN A 342 23.17 -8.99 7.69
N LYS A 343 22.42 -8.37 6.78
CA LYS A 343 23.00 -7.78 5.57
C LYS A 343 22.62 -6.32 5.35
N GLY A 344 22.44 -5.60 6.45
CA GLY A 344 22.30 -4.15 6.40
C GLY A 344 20.86 -3.69 6.24
N ASN A 345 19.91 -4.64 6.37
CA ASN A 345 18.50 -4.35 6.21
C ASN A 345 18.22 -3.59 4.89
N GLY A 346 17.56 -2.44 4.93
CA GLY A 346 17.21 -1.71 3.71
C GLY A 346 18.39 -1.27 2.84
N LYS A 347 19.56 -1.14 3.45
CA LYS A 347 20.79 -0.79 2.71
C LYS A 347 21.10 -1.81 1.61
N PHE A 348 20.61 -3.05 1.79
CA PHE A 348 20.83 -4.13 0.81
C PHE A 348 20.43 -3.71 -0.60
N PHE A 349 19.37 -2.93 -0.72
CA PHE A 349 18.85 -2.54 -2.03
C PHE A 349 19.19 -1.13 -2.46
N VAL A 350 19.81 -0.35 -1.58
CA VAL A 350 20.18 1.03 -1.92
C VAL A 350 21.18 1.02 -3.08
N ASN A 351 20.86 1.81 -4.10
CA ASN A 351 21.65 1.86 -5.33
C ASN A 351 21.63 0.52 -6.09
N VAL A 352 20.69 -0.35 -5.70
CA VAL A 352 20.34 -1.51 -6.51
C VAL A 352 19.00 -1.24 -7.18
N ASN A 353 17.93 -1.15 -6.38
CA ASN A 353 16.66 -0.64 -6.91
C ASN A 353 15.96 0.44 -6.07
N THR A 354 16.63 0.97 -5.05
CA THR A 354 16.12 2.12 -4.29
C THR A 354 17.17 3.23 -4.27
N ASP A 355 16.73 4.49 -4.30
CA ASP A 355 17.69 5.61 -4.44
C ASP A 355 18.25 6.12 -3.11
N ARG A 356 17.74 5.60 -2.00
CA ARG A 356 18.11 6.09 -0.68
C ARG A 356 17.65 5.11 0.39
N GLU A 357 18.19 5.26 1.60
CA GLU A 357 17.86 4.39 2.73
C GLU A 357 16.42 4.51 3.21
N GLN A 358 15.88 5.72 3.22
CA GLN A 358 14.52 5.93 3.69
C GLN A 358 13.58 6.33 2.55
N THR A 359 12.98 5.33 1.89
CA THR A 359 12.00 5.57 0.84
C THR A 359 11.10 4.35 0.65
N PRO A 360 9.81 4.59 0.32
CA PRO A 360 8.88 3.53 0.02
C PRO A 360 8.80 3.25 -1.50
N LEU A 361 9.68 3.88 -2.27
CA LEU A 361 9.63 3.82 -3.74
C LEU A 361 10.84 3.12 -4.29
N TYR A 362 10.77 2.74 -5.57
CA TYR A 362 11.90 2.14 -6.29
C TYR A 362 12.38 3.08 -7.39
N MET A 363 13.66 2.97 -7.76
CA MET A 363 14.23 3.81 -8.80
C MET A 363 14.40 3.05 -10.13
N THR A 364 14.18 1.75 -10.08
CA THR A 364 14.11 0.94 -11.29
C THR A 364 13.17 -0.25 -11.11
N GLY A 365 12.49 -0.64 -12.18
CA GLY A 365 11.69 -1.88 -12.18
C GLY A 365 12.39 -3.09 -12.78
N ARG A 366 13.67 -2.90 -13.13
CA ARG A 366 14.45 -3.90 -13.85
C ARG A 366 14.45 -5.29 -13.17
N TYR A 367 14.50 -5.30 -11.84
CA TYR A 367 14.47 -6.56 -11.07
C TYR A 367 13.11 -6.80 -10.42
N ASN A 368 12.12 -6.00 -10.81
CA ASN A 368 10.93 -5.74 -9.98
C ASN A 368 11.27 -5.77 -8.49
N VAL A 369 10.60 -6.63 -7.71
CA VAL A 369 10.98 -6.85 -6.31
C VAL A 369 11.57 -8.25 -6.19
N ILE A 370 12.82 -8.35 -5.75
CA ILE A 370 13.45 -9.65 -5.55
C ILE A 370 12.81 -10.28 -4.31
N PRO A 371 12.21 -11.48 -4.47
CA PRO A 371 11.56 -12.11 -3.34
C PRO A 371 12.55 -12.84 -2.43
N ALA A 372 12.27 -12.84 -1.13
CA ALA A 372 13.11 -13.51 -0.15
C ALA A 372 12.27 -14.13 0.94
N ILE A 373 12.82 -15.13 1.61
CA ILE A 373 12.30 -15.61 2.90
C ILE A 373 13.43 -15.64 3.93
N PRO A 374 13.10 -15.43 5.21
CA PRO A 374 14.06 -15.53 6.32
C PRO A 374 14.83 -16.85 6.30
N GLY A 375 16.05 -16.83 6.81
CA GLY A 375 16.89 -18.04 6.86
C GLY A 375 16.26 -19.23 7.59
N VAL A 376 15.41 -18.94 8.58
CA VAL A 376 14.79 -20.00 9.39
C VAL A 376 13.88 -20.94 8.58
N LEU A 377 13.31 -20.40 7.51
CA LEU A 377 12.36 -21.14 6.68
C LEU A 377 13.06 -22.00 5.62
N LYS A 378 12.31 -22.93 5.06
CA LYS A 378 12.81 -23.84 4.02
C LYS A 378 12.18 -23.51 2.67
N THR A 379 12.93 -23.79 1.60
CA THR A 379 12.46 -23.50 0.24
C THR A 379 11.81 -24.74 -0.41
N ASP A 380 11.39 -25.69 0.43
CA ASP A 380 10.77 -26.96 0.02
C ASP A 380 9.51 -26.81 -0.84
N LYS A 381 8.51 -26.10 -0.31
CA LYS A 381 7.25 -25.82 -1.02
C LYS A 381 7.45 -24.94 -2.26
N LEU A 382 8.52 -24.16 -2.27
CA LEU A 382 8.89 -23.35 -3.44
C LEU A 382 9.33 -24.27 -4.57
N LYS A 383 10.28 -25.17 -4.28
CA LYS A 383 10.80 -26.15 -5.25
C LYS A 383 9.75 -27.17 -5.71
N GLU A 384 8.73 -27.40 -4.87
CA GLU A 384 7.61 -28.30 -5.20
C GLU A 384 6.72 -27.74 -6.31
N SER A 385 6.72 -26.41 -6.49
CA SER A 385 5.96 -25.78 -7.55
C SER A 385 6.57 -26.08 -8.93
N VAL A 386 5.69 -26.35 -9.89
CA VAL A 386 6.09 -26.62 -11.29
C VAL A 386 6.70 -25.40 -12.00
N SER A 387 6.28 -24.20 -11.57
CA SER A 387 6.68 -22.94 -12.21
C SER A 387 8.03 -22.41 -11.72
N SER A 388 8.66 -23.15 -10.81
CA SER A 388 9.83 -22.65 -10.09
C SER A 388 11.17 -23.26 -10.49
N SER A 389 11.17 -24.07 -11.55
CA SER A 389 12.39 -24.79 -11.97
C SER A 389 13.47 -23.90 -12.62
N ARG A 390 13.09 -22.70 -13.09
CA ARG A 390 14.08 -21.82 -13.72
C ARG A 390 14.61 -20.72 -12.77
N ILE A 391 14.27 -20.82 -11.49
CA ILE A 391 14.67 -19.85 -10.47
C ILE A 391 15.99 -20.25 -9.82
N GLN A 392 16.91 -19.28 -9.71
CA GLN A 392 18.11 -19.48 -8.88
C GLN A 392 17.81 -19.10 -7.43
N ILE A 393 17.73 -20.12 -6.58
CA ILE A 393 17.55 -19.90 -5.14
C ILE A 393 18.94 -19.74 -4.50
N LYS A 394 19.18 -18.59 -3.89
CA LYS A 394 20.51 -18.23 -3.43
C LYS A 394 20.53 -17.79 -1.98
N GLU A 395 21.45 -18.36 -1.19
CA GLU A 395 21.69 -17.88 0.17
C GLU A 395 22.07 -16.41 0.16
N ILE A 396 21.55 -15.64 1.13
CA ILE A 396 21.84 -14.21 1.20
C ILE A 396 23.32 -13.93 1.49
N THR A 397 24.00 -14.96 2.01
CA THR A 397 25.43 -14.92 2.33
C THR A 397 26.32 -15.23 1.10
N SER A 398 25.71 -15.57 -0.03
CA SER A 398 26.46 -15.82 -1.30
C SER A 398 27.31 -14.61 -1.69
N PRO A 399 28.48 -14.85 -2.34
CA PRO A 399 29.36 -13.74 -2.72
C PRO A 399 28.68 -12.74 -3.67
N GLU A 400 27.71 -13.20 -4.45
CA GLU A 400 26.94 -12.34 -5.35
C GLU A 400 26.13 -11.25 -4.63
N PHE A 401 25.93 -11.42 -3.32
CA PHE A 401 25.16 -10.46 -2.54
C PHE A 401 26.04 -9.69 -1.57
N SER A 402 27.35 -9.85 -1.65
CA SER A 402 28.26 -9.31 -0.61
C SER A 402 28.38 -7.78 -0.58
N SER A 403 28.26 -7.15 -1.74
CA SER A 403 28.31 -5.70 -1.82
C SER A 403 27.25 -5.17 -2.80
N THR A 404 27.03 -3.85 -2.76
CA THR A 404 26.15 -3.17 -3.72
C THR A 404 26.53 -3.53 -5.15
N GLN A 405 27.84 -3.43 -5.46
CA GLN A 405 28.32 -3.67 -6.83
C GLN A 405 28.11 -5.13 -7.26
N ALA A 406 28.43 -6.07 -6.38
CA ALA A 406 28.23 -7.50 -6.67
C ALA A 406 26.75 -7.82 -6.94
N ARG A 407 25.85 -7.23 -6.17
CA ARG A 407 24.41 -7.47 -6.39
C ARG A 407 23.96 -7.06 -7.80
N LYS A 408 24.29 -5.84 -8.20
CA LYS A 408 23.89 -5.34 -9.52
C LYS A 408 24.51 -6.20 -10.60
N GLU A 409 25.82 -6.45 -10.48
CA GLU A 409 26.53 -7.29 -11.45
C GLU A 409 25.90 -8.67 -11.62
N TYR A 410 25.50 -9.29 -10.49
CA TYR A 410 24.84 -10.58 -10.57
C TYR A 410 23.40 -10.50 -11.15
N LEU A 411 22.59 -9.59 -10.60
CA LEU A 411 21.22 -9.42 -11.05
C LEU A 411 21.13 -8.97 -12.51
N ASN A 412 22.07 -8.14 -12.95
CA ASN A 412 22.10 -7.64 -14.33
C ASN A 412 22.26 -8.72 -15.38
N LYS A 413 22.96 -9.80 -15.02
CA LYS A 413 23.14 -10.95 -15.90
C LYS A 413 21.82 -11.68 -16.14
N LEU A 414 20.92 -11.59 -15.17
CA LEU A 414 19.70 -12.39 -15.19
C LEU A 414 18.45 -11.57 -15.50
N TYR A 415 18.52 -10.28 -15.22
CA TYR A 415 17.43 -9.36 -15.53
C TYR A 415 17.94 -8.35 -16.53
N PRO A 416 17.53 -8.48 -17.80
CA PRO A 416 18.10 -7.61 -18.82
C PRO A 416 17.57 -6.19 -18.68
N MET A 417 18.38 -5.22 -19.07
CA MET A 417 17.96 -3.84 -19.08
C MET A 417 16.84 -3.76 -20.11
N ASN A 418 15.68 -3.23 -19.73
CA ASN A 418 14.54 -3.21 -20.65
C ASN A 418 13.89 -1.83 -20.89
N TYR A 419 14.59 -0.78 -20.44
CA TYR A 419 14.27 0.58 -20.82
C TYR A 419 15.47 1.49 -20.57
N GLU A 420 15.34 2.74 -20.98
CA GLU A 420 16.38 3.76 -20.77
C GLU A 420 15.80 4.94 -20.02
N GLY A 421 16.66 5.61 -19.25
CA GLY A 421 16.29 6.81 -18.52
C GLY A 421 16.31 6.58 -17.02
N ASP A 422 16.51 7.66 -16.29
CA ASP A 422 16.64 7.61 -14.85
C ASP A 422 15.26 7.95 -14.29
N ILE A 423 14.44 6.91 -14.17
CA ILE A 423 13.03 6.99 -13.79
C ILE A 423 12.63 5.56 -13.46
N PHE A 424 11.59 5.39 -12.65
CA PHE A 424 11.08 4.04 -12.41
C PHE A 424 10.17 3.60 -13.54
N ALA A 425 10.46 2.41 -14.09
CA ALA A 425 9.59 1.78 -15.09
C ALA A 425 9.61 0.27 -14.94
N GLN A 426 8.44 -0.35 -15.06
CA GLN A 426 8.33 -1.81 -15.06
C GLN A 426 7.28 -2.19 -16.09
N LYS A 427 7.52 -3.30 -16.79
CA LYS A 427 6.61 -3.75 -17.83
C LYS A 427 5.91 -5.06 -17.42
N LEU A 428 4.59 -5.09 -17.60
CA LEU A 428 3.80 -6.32 -17.51
C LEU A 428 3.05 -6.49 -18.81
N ASP A 429 3.17 -7.66 -19.46
CA ASP A 429 2.49 -7.92 -20.74
C ASP A 429 2.59 -6.72 -21.71
N ASN A 430 1.46 -6.08 -22.05
CA ASN A 430 1.50 -4.94 -22.98
C ASN A 430 1.46 -3.58 -22.31
N ARG A 431 1.84 -3.54 -21.03
CA ARG A 431 1.67 -2.34 -20.22
C ARG A 431 3.00 -1.89 -19.60
N TRP A 432 3.31 -0.61 -19.78
CA TRP A 432 4.42 0.02 -19.09
C TRP A 432 3.86 0.82 -17.92
N PHE A 433 4.44 0.58 -16.74
CA PHE A 433 4.09 1.32 -15.54
C PHE A 433 5.27 2.18 -15.22
N VAL A 434 5.03 3.47 -15.04
CA VAL A 434 6.11 4.44 -14.89
C VAL A 434 5.82 5.38 -13.72
N TYR A 435 6.84 5.68 -12.92
CA TYR A 435 6.73 6.81 -12.02
C TYR A 435 8.04 7.52 -11.76
N ASN A 436 7.92 8.80 -11.44
CA ASN A 436 9.05 9.60 -10.95
C ASN A 436 9.27 9.20 -9.50
N TYR A 437 10.50 8.82 -9.16
CA TYR A 437 10.79 8.22 -7.84
C TYR A 437 11.29 9.18 -6.77
N LYS A 438 11.40 10.46 -7.11
CA LYS A 438 11.80 11.48 -6.13
C LYS A 438 10.73 11.57 -5.03
N VAL A 439 11.19 11.71 -3.79
CA VAL A 439 10.31 11.76 -2.64
C VAL A 439 9.96 13.22 -2.27
N ASN A 440 10.99 14.03 -2.08
CA ASN A 440 10.81 15.38 -1.60
C ASN A 440 11.80 16.33 -2.28
N GLU A 441 12.08 16.04 -3.56
CA GLU A 441 12.99 16.87 -4.39
C GLU A 441 12.26 17.21 -5.69
N ASN A 442 12.23 18.50 -6.04
CA ASN A 442 11.46 18.93 -7.20
C ASN A 442 12.27 18.76 -8.50
N VAL A 443 12.38 17.53 -8.97
CA VAL A 443 13.25 17.20 -10.09
C VAL A 443 12.48 16.33 -11.08
N LYS A 444 12.42 16.77 -12.34
CA LYS A 444 11.75 16.03 -13.41
C LYS A 444 12.56 14.80 -13.80
N GLN A 445 11.88 13.76 -14.24
CA GLN A 445 12.54 12.56 -14.72
C GLN A 445 12.04 12.16 -16.09
N THR A 446 12.90 11.52 -16.86
CA THR A 446 12.55 11.12 -18.22
C THR A 446 12.92 9.67 -18.44
N GLY A 447 12.16 8.99 -19.31
CA GLY A 447 12.43 7.61 -19.69
C GLY A 447 12.08 7.36 -21.14
N LYS A 448 12.71 6.34 -21.72
CA LYS A 448 12.35 5.86 -23.05
C LYS A 448 11.95 4.40 -22.97
N LEU A 449 10.69 4.14 -23.31
CA LEU A 449 10.08 2.81 -23.26
C LEU A 449 9.72 2.38 -24.67
N LYS A 450 9.68 1.08 -24.93
CA LYS A 450 9.30 0.59 -26.24
C LYS A 450 8.18 -0.43 -26.14
N PHE A 451 7.29 -0.39 -27.13
CA PHE A 451 6.31 -1.45 -27.35
C PHE A 451 6.70 -2.03 -28.70
N ASN A 452 7.51 -3.07 -28.68
CA ASN A 452 8.24 -3.52 -29.87
C ASN A 452 8.97 -2.36 -30.56
N SER A 453 8.53 -1.97 -31.76
CA SER A 453 9.21 -0.91 -32.50
C SER A 453 8.71 0.48 -32.15
N LEU A 454 7.54 0.56 -31.51
CA LEU A 454 6.97 1.84 -31.09
C LEU A 454 7.77 2.39 -29.89
N GLU A 455 8.27 3.62 -30.01
CA GLU A 455 9.03 4.27 -28.93
C GLU A 455 8.17 5.29 -28.21
N MET A 456 8.13 5.18 -26.88
CA MET A 456 7.43 6.17 -26.07
C MET A 456 8.41 6.80 -25.08
N ASN A 457 8.59 8.12 -25.22
CA ASN A 457 9.39 8.90 -24.28
C ASN A 457 8.46 9.70 -23.37
N VAL A 458 8.76 9.70 -22.08
CA VAL A 458 7.92 10.44 -21.15
C VAL A 458 8.76 11.39 -20.30
N GLU A 459 8.15 12.49 -19.88
CA GLU A 459 8.74 13.38 -18.88
C GLU A 459 7.74 13.59 -17.74
N PHE A 460 8.17 13.25 -16.53
CA PHE A 460 7.31 13.23 -15.33
C PHE A 460 7.89 14.13 -14.25
N GLU A 461 7.06 15.01 -13.69
CA GLU A 461 7.40 15.69 -12.43
C GLU A 461 7.27 14.70 -11.29
N PRO A 462 7.83 15.03 -10.10
CA PRO A 462 7.64 14.19 -8.93
C PRO A 462 6.15 13.89 -8.67
N HIS A 463 5.91 12.75 -8.04
CA HIS A 463 4.58 12.38 -7.56
C HIS A 463 3.61 12.29 -8.75
N THR A 464 4.07 11.56 -9.76
CA THR A 464 3.33 11.32 -10.98
C THR A 464 3.56 9.85 -11.36
N TYR A 465 2.47 9.10 -11.51
CA TYR A 465 2.57 7.78 -12.13
C TYR A 465 1.66 7.64 -13.34
N GLY A 466 2.05 6.74 -14.24
CA GLY A 466 1.31 6.48 -15.45
C GLY A 466 1.33 5.01 -15.81
N ILE A 467 0.26 4.55 -16.45
CA ILE A 467 0.14 3.18 -16.93
C ILE A 467 -0.19 3.29 -18.42
N PHE A 468 0.68 2.73 -19.26
CA PHE A 468 0.53 2.91 -20.70
C PHE A 468 0.36 1.54 -21.34
N GLU A 469 -0.82 1.29 -21.91
CA GLU A 469 -1.16 -0.02 -22.46
C GLU A 469 -1.33 0.01 -23.97
N ARG A 470 -0.52 -0.79 -24.66
CA ARG A 470 -0.61 -0.92 -26.12
C ARG A 470 -1.80 -1.79 -26.44
N ILE A 471 -2.85 -1.18 -26.98
CA ILE A 471 -4.05 -1.90 -27.39
C ILE A 471 -4.08 -1.96 -28.92
N SER A 472 -4.96 -2.77 -29.49
CA SER A 472 -4.88 -3.05 -30.94
C SER A 472 -5.05 -1.79 -31.78
N ASN A 473 -5.88 -0.87 -31.29
CA ASN A 473 -6.09 0.39 -32.00
C ASN A 473 -5.27 1.60 -31.50
N GLY A 474 -4.34 1.37 -30.58
CA GLY A 474 -3.48 2.47 -30.11
C GLY A 474 -2.85 2.29 -28.74
N LEU A 475 -3.16 3.24 -27.85
CA LEU A 475 -2.56 3.28 -26.52
C LEU A 475 -3.60 3.75 -25.51
N LYS A 476 -3.83 2.92 -24.48
CA LYS A 476 -4.62 3.34 -23.32
C LYS A 476 -3.68 3.99 -22.29
N VAL A 477 -4.11 5.13 -21.76
CA VAL A 477 -3.30 5.89 -20.82
C VAL A 477 -4.09 6.11 -19.53
N ASN A 478 -3.44 5.78 -18.40
CA ASN A 478 -3.87 6.22 -17.07
C ASN A 478 -2.75 7.07 -16.49
N LEU A 479 -3.09 8.29 -16.06
CA LEU A 479 -2.11 9.19 -15.46
C LEU A 479 -2.65 9.70 -14.14
N ASN A 480 -1.77 9.78 -13.14
CA ASN A 480 -2.15 10.38 -11.88
C ASN A 480 -1.01 11.18 -11.28
N ASN A 481 -1.25 12.47 -11.15
CA ASN A 481 -0.30 13.34 -10.52
C ASN A 481 -0.98 14.21 -9.46
N PHE A 482 -2.05 13.70 -8.87
CA PHE A 482 -2.85 14.49 -7.92
C PHE A 482 -2.05 14.84 -6.68
N ARG A 483 -1.91 16.13 -6.45
CA ARG A 483 -1.13 16.67 -5.32
C ARG A 483 -1.66 18.05 -4.97
N THR A 484 -2.44 18.13 -3.89
CA THR A 484 -2.98 19.39 -3.41
C THR A 484 -1.89 20.19 -2.66
N ASN A 485 -2.18 21.45 -2.40
CA ASN A 485 -1.22 22.34 -1.77
C ASN A 485 -1.38 22.28 -0.26
N LYS A 486 -0.36 21.76 0.43
CA LYS A 486 -0.35 21.63 1.89
C LYS A 486 0.43 22.76 2.59
N ASP A 487 0.94 23.72 1.84
CA ASP A 487 1.74 24.82 2.43
C ASP A 487 1.09 25.52 3.62
N SER A 488 -0.24 25.68 3.59
CA SER A 488 -0.97 26.33 4.68
C SER A 488 -0.69 25.72 6.04
N LEU A 489 -0.46 24.40 6.07
CA LEU A 489 -0.10 23.71 7.32
C LEU A 489 1.24 24.21 7.87
N TRP A 490 2.08 24.72 6.99
CA TRP A 490 3.42 25.13 7.36
C TRP A 490 3.60 26.66 7.31
N SER A 491 2.48 27.37 7.24
CA SER A 491 2.46 28.84 7.35
C SER A 491 3.19 29.29 8.60
N ASN A 492 3.81 30.47 8.55
CA ASN A 492 4.44 31.11 9.72
C ASN A 492 5.79 30.52 10.11
N ALA A 493 6.30 29.61 9.28
CA ALA A 493 7.62 29.01 9.49
C ALA A 493 8.45 29.14 8.21
N GLN A 494 9.50 29.93 8.24
N GLN A 494 9.51 29.93 8.25
CA GLN A 494 10.33 30.13 7.04
CA GLN A 494 10.32 30.12 7.04
C GLN A 494 11.48 29.11 6.91
C GLN A 494 11.41 29.05 6.89
N ASP A 495 11.79 28.44 8.01
CA ASP A 495 12.80 27.38 8.01
C ASP A 495 12.46 26.22 8.96
N ALA A 496 13.25 25.15 8.90
CA ALA A 496 13.05 23.95 9.73
C ALA A 496 12.95 24.23 11.23
N ASN A 497 13.87 25.04 11.76
N ASN A 497 13.85 25.05 11.75
CA ASN A 497 13.90 25.38 13.19
CA ASN A 497 13.90 25.30 13.19
C ASN A 497 12.58 26.02 13.63
C ASN A 497 12.67 26.11 13.69
N GLN A 498 12.12 26.97 12.83
CA GLN A 498 10.83 27.63 13.09
C GLN A 498 9.65 26.65 12.99
N ALA A 499 9.67 25.78 11.97
CA ALA A 499 8.62 24.77 11.79
C ALA A 499 8.51 23.84 13.00
N LYS A 500 9.66 23.49 13.61
CA LYS A 500 9.68 22.66 14.82
C LYS A 500 8.85 23.27 15.94
N LYS A 501 8.91 24.61 16.03
CA LYS A 501 8.30 25.36 17.13
C LYS A 501 6.86 25.79 16.88
N LEU A 502 6.28 25.38 15.75
CA LEU A 502 4.88 25.70 15.51
C LEU A 502 4.01 25.07 16.61
N PRO A 503 2.89 25.71 16.94
CA PRO A 503 1.98 25.07 17.91
C PRO A 503 1.48 23.75 17.33
N GLN A 504 1.35 22.74 18.20
CA GLN A 504 0.88 21.42 17.76
C GLN A 504 -0.49 21.57 17.12
N LEU A 505 -0.66 21.00 15.92
CA LEU A 505 -1.97 20.92 15.30
C LEU A 505 -2.92 20.02 16.11
N THR A 506 -2.35 18.96 16.67
CA THR A 506 -3.07 17.90 17.42
C THR A 506 -3.95 17.01 16.56
N LYS A 507 -4.29 15.85 17.12
CA LYS A 507 -5.11 14.86 16.45
C LYS A 507 -6.49 15.45 16.12
N LYS A 508 -7.12 16.09 17.09
CA LYS A 508 -8.43 16.69 16.88
C LYS A 508 -8.34 17.88 15.93
N GLY A 509 -7.25 18.61 16.01
CA GLY A 509 -7.02 19.76 15.13
C GLY A 509 -6.83 19.32 13.68
N ALA A 510 -6.14 18.20 13.49
CA ALA A 510 -5.93 17.68 12.13
C ALA A 510 -7.23 17.16 11.52
N ILE A 511 -8.02 16.46 12.32
CA ILE A 511 -9.35 16.00 11.88
C ILE A 511 -10.22 17.18 11.50
N LYS A 512 -10.21 18.23 12.34
CA LYS A 512 -10.94 19.46 12.04
C LYS A 512 -10.44 20.11 10.74
N TRP A 513 -9.12 20.19 10.57
CA TRP A 513 -8.54 20.75 9.35
C TRP A 513 -9.04 20.01 8.10
N ILE A 514 -9.05 18.69 8.15
CA ILE A 514 -9.57 17.89 7.05
C ILE A 514 -11.03 18.30 6.72
N GLU A 515 -11.87 18.35 7.75
CA GLU A 515 -13.27 18.76 7.61
C GLU A 515 -13.39 20.15 6.98
N GLU A 516 -12.59 21.09 7.47
CA GLU A 516 -12.78 22.50 7.11
C GLU A 516 -11.97 22.95 5.89
N HIS A 517 -10.86 22.27 5.59
CA HIS A 517 -9.94 22.74 4.54
C HIS A 517 -9.51 21.68 3.54
N TYR A 518 -10.01 20.46 3.68
CA TYR A 518 -9.66 19.42 2.72
C TYR A 518 -10.89 18.77 2.09
N ILE A 519 -11.86 18.39 2.92
CA ILE A 519 -13.16 17.94 2.43
C ILE A 519 -13.84 19.08 1.66
N LYS A 520 -13.70 20.30 2.16
CA LYS A 520 -14.20 21.48 1.46
C LYS A 520 -13.15 22.56 1.45
N ASP A 521 -13.32 23.54 0.57
CA ASP A 521 -12.42 24.69 0.49
C ASP A 521 -10.98 24.23 0.26
N THR A 522 -10.85 23.13 -0.48
CA THR A 522 -9.58 22.49 -0.77
C THR A 522 -8.64 23.47 -1.48
N GLN A 523 -7.40 23.52 -1.03
CA GLN A 523 -6.39 24.30 -1.75
C GLN A 523 -5.73 23.38 -2.75
N PHE A 524 -6.29 23.32 -3.96
CA PHE A 524 -5.78 22.43 -5.00
C PHE A 524 -4.39 22.88 -5.44
N GLY A 525 -3.56 21.92 -5.84
CA GLY A 525 -2.24 22.23 -6.36
C GLY A 525 -2.37 22.76 -7.78
N GLU A 526 -1.29 23.38 -8.26
CA GLU A 526 -1.27 23.94 -9.60
C GLU A 526 -1.21 22.81 -10.63
N LYS A 527 -1.85 23.02 -11.78
CA LYS A 527 -1.68 22.11 -12.91
C LYS A 527 -0.19 22.08 -13.24
N ARG A 528 0.29 20.91 -13.66
CA ARG A 528 1.67 20.75 -14.08
C ARG A 528 1.80 19.81 -15.28
N VAL A 529 2.91 19.96 -16.00
CA VAL A 529 3.07 19.40 -17.33
C VAL A 529 3.66 17.99 -17.33
N THR A 530 3.02 17.10 -18.10
CA THR A 530 3.55 15.80 -18.44
C THR A 530 3.71 15.79 -19.95
N LYS A 531 4.82 15.24 -20.42
CA LYS A 531 5.02 15.09 -21.85
C LYS A 531 5.12 13.63 -22.20
N ILE A 532 4.46 13.25 -23.30
CA ILE A 532 4.52 11.90 -23.85
C ILE A 532 4.85 12.05 -25.33
N VAL A 533 5.92 11.40 -25.78
CA VAL A 533 6.31 11.45 -27.20
C VAL A 533 6.29 10.05 -27.77
N LEU A 534 5.56 9.87 -28.87
CA LEU A 534 5.48 8.58 -29.55
C LEU A 534 6.18 8.69 -30.89
N ARG A 535 7.10 7.78 -31.14
CA ARG A 535 7.84 7.75 -32.41
C ARG A 535 7.53 6.44 -33.12
N GLY A 536 7.19 6.54 -34.41
CA GLY A 536 6.82 5.37 -35.21
C GLY A 536 5.34 5.32 -35.54
N ILE A 537 4.74 6.50 -35.68
CA ILE A 537 3.29 6.67 -35.82
C ILE A 537 2.95 7.14 -37.24
N ASP A 538 1.86 6.60 -37.81
CA ASP A 538 1.49 6.89 -39.20
C ASP A 538 0.87 8.28 -39.39
N LYS A 539 -0.13 8.60 -38.58
CA LYS A 539 -0.87 9.85 -38.69
C LYS A 539 -1.13 10.44 -37.31
N LEU A 540 -1.52 11.72 -37.27
CA LEU A 540 -1.98 12.36 -36.03
C LEU A 540 -2.95 11.43 -35.30
N PRO A 541 -2.61 11.03 -34.06
CA PRO A 541 -3.55 10.18 -33.31
C PRO A 541 -4.84 10.92 -32.95
N THR A 542 -5.92 10.16 -32.77
CA THR A 542 -7.14 10.73 -32.26
C THR A 542 -7.25 10.36 -30.78
N ILE A 543 -7.95 11.19 -30.01
CA ILE A 543 -8.12 10.99 -28.56
C ILE A 543 -9.55 10.58 -28.24
N HIS A 544 -9.70 9.60 -27.35
CA HIS A 544 -11.02 9.05 -27.00
C HIS A 544 -11.18 8.82 -25.50
N SER A 545 -12.44 8.75 -25.03
CA SER A 545 -12.77 8.42 -23.63
C SER A 545 -11.91 9.18 -22.63
N LEU A 546 -11.79 10.49 -22.86
CA LEU A 546 -11.04 11.37 -21.99
C LEU A 546 -11.87 11.68 -20.75
N SER A 547 -11.31 11.44 -19.57
CA SER A 547 -11.92 11.89 -18.32
C SER A 547 -10.88 11.92 -17.21
N GLY A 548 -11.26 12.50 -16.09
CA GLY A 548 -10.34 12.63 -14.97
C GLY A 548 -10.96 13.41 -13.84
N THR A 549 -10.15 13.80 -12.86
CA THR A 549 -10.61 14.56 -11.73
C THR A 549 -11.28 15.84 -12.25
N ASN A 550 -12.49 16.14 -11.78
N ASN A 550 -12.48 16.13 -11.75
CA ASN A 550 -13.23 17.30 -12.26
CA ASN A 550 -13.24 17.34 -12.11
C ASN A 550 -12.42 18.58 -12.07
C ASN A 550 -12.34 18.57 -12.08
N ASN A 551 -12.42 19.41 -13.11
CA ASN A 551 -11.68 20.70 -13.16
C ASN A 551 -10.19 20.60 -12.86
N SER A 552 -9.54 19.54 -13.33
CA SER A 552 -8.16 19.31 -12.95
C SER A 552 -7.20 19.23 -14.13
N TYR A 553 -7.73 19.29 -15.35
CA TYR A 553 -6.90 19.13 -16.54
C TYR A 553 -7.34 20.02 -17.69
N ASP A 554 -6.34 20.48 -18.45
CA ASP A 554 -6.58 21.17 -19.72
C ASP A 554 -6.75 20.09 -20.77
N GLN A 555 -7.35 20.44 -21.90
CA GLN A 555 -7.43 19.49 -23.01
C GLN A 555 -6.01 19.14 -23.46
N PRO A 556 -5.72 17.83 -23.55
CA PRO A 556 -4.39 17.44 -23.97
C PRO A 556 -4.11 18.00 -25.36
N SER A 557 -2.86 18.41 -25.56
CA SER A 557 -2.41 18.97 -26.83
C SER A 557 -1.51 18.00 -27.59
N LEU A 558 -1.89 17.68 -28.83
CA LEU A 558 -1.14 16.77 -29.66
C LEU A 558 -0.49 17.54 -30.81
N ASN A 559 0.80 17.31 -30.97
CA ASN A 559 1.57 17.94 -32.02
C ASN A 559 2.24 16.88 -32.89
N PHE A 560 1.68 16.69 -34.09
CA PHE A 560 2.15 15.64 -35.00
C PHE A 560 3.14 16.19 -36.02
N ASP A 561 4.24 15.46 -36.18
CA ASP A 561 5.33 15.80 -37.08
C ASP A 561 5.36 14.73 -38.16
N GLN A 562 4.73 15.02 -39.30
CA GLN A 562 4.63 14.05 -40.39
C GLN A 562 6.00 13.53 -40.85
N LYS A 563 6.98 14.42 -40.97
CA LYS A 563 8.30 14.05 -41.51
C LYS A 563 9.01 13.03 -40.64
N ASN A 564 8.96 13.21 -39.32
CA ASN A 564 9.58 12.28 -38.38
C ASN A 564 8.63 11.22 -37.81
N HIS A 565 7.40 11.18 -38.31
CA HIS A 565 6.42 10.17 -37.89
C HIS A 565 6.26 10.07 -36.37
N MET A 566 6.05 11.21 -35.73
CA MET A 566 6.04 11.27 -34.28
C MET A 566 5.01 12.28 -33.79
N VAL A 567 4.49 12.04 -32.58
CA VAL A 567 3.56 12.96 -31.94
C VAL A 567 4.10 13.33 -30.55
N THR A 568 3.89 14.58 -30.17
CA THR A 568 4.23 15.09 -28.85
C THR A 568 2.93 15.45 -28.17
N ILE A 569 2.66 14.77 -27.07
CA ILE A 569 1.45 14.98 -26.30
C ILE A 569 1.82 15.77 -25.05
N THR A 570 1.25 16.96 -24.92
CA THR A 570 1.45 17.79 -23.74
C THR A 570 0.17 17.80 -22.91
N ILE A 571 0.32 17.34 -21.67
CA ILE A 571 -0.77 17.36 -20.68
C ILE A 571 -0.42 18.34 -19.57
N ASN A 572 -1.40 19.16 -19.19
CA ASN A 572 -1.28 20.08 -18.08
C ASN A 572 -2.42 19.78 -17.11
N SER A 573 -2.07 19.20 -15.97
CA SER A 573 -3.05 18.60 -15.07
C SER A 573 -2.57 18.50 -13.64
N ASN A 574 -3.52 18.20 -12.74
CA ASN A 574 -3.24 17.84 -11.36
C ASN A 574 -4.43 17.02 -10.86
N GLY A 575 -4.33 15.70 -11.02
CA GLY A 575 -5.43 14.80 -10.70
C GLY A 575 -5.25 13.43 -11.33
N ASN A 576 -6.33 12.65 -11.32
CA ASN A 576 -6.39 11.40 -12.07
C ASN A 576 -6.84 11.73 -13.48
N LEU A 577 -6.37 10.95 -14.45
CA LEU A 577 -6.67 11.21 -15.85
C LEU A 577 -6.60 9.92 -16.65
N GLU A 578 -7.52 9.74 -17.58
CA GLU A 578 -7.43 8.62 -18.50
C GLU A 578 -7.96 9.01 -19.88
N PHE A 579 -7.35 8.42 -20.91
CA PHE A 579 -7.80 8.57 -22.28
C PHE A 579 -7.18 7.47 -23.12
N GLU A 580 -7.72 7.30 -24.33
CA GLU A 580 -7.07 6.45 -25.31
C GLU A 580 -6.60 7.29 -26.48
N LEU A 581 -5.49 6.88 -27.08
CA LEU A 581 -5.05 7.47 -28.33
C LEU A 581 -5.21 6.40 -29.39
N HIS A 582 -5.86 6.76 -30.49
CA HIS A 582 -5.99 5.81 -31.60
C HIS A 582 -5.08 6.20 -32.76
N PHE A 583 -4.27 5.24 -33.20
CA PHE A 583 -3.30 5.44 -34.27
C PHE A 583 -2.82 4.10 -34.82
N LEU A 584 -2.17 4.15 -35.98
CA LEU A 584 -1.45 3.00 -36.54
C LEU A 584 0.03 3.30 -36.50
N GLU A 585 0.84 2.25 -36.53
CA GLU A 585 2.30 2.42 -36.61
C GLU A 585 2.71 2.64 -38.05
N HIS A 586 3.81 3.35 -38.24
CA HIS A 586 4.35 3.61 -39.57
C HIS A 586 5.29 2.49 -40.00
C1 NAG B . 5.73 3.72 18.48
C2 NAG B . 4.36 4.11 18.99
C3 NAG B . 3.33 3.49 18.06
C4 NAG B . 3.59 3.92 16.61
C5 NAG B . 5.04 3.59 16.21
C6 NAG B . 5.48 4.05 14.83
C7 NAG B . 4.30 4.46 21.42
C8 NAG B . 4.14 3.85 22.78
N2 NAG B . 4.22 3.64 20.36
O1 NAG B . 6.74 4.27 19.28
O3 NAG B . 2.06 3.90 18.48
O4 NAG B . 2.61 3.35 15.74
O5 NAG B . 5.89 4.21 17.16
O6 NAG B . 6.61 3.29 14.44
O7 NAG B . 4.50 5.66 21.32
C1 GAL B . 1.99 4.36 14.91
C2 GAL B . 0.63 4.71 15.49
C3 GAL B . 0.15 6.08 15.05
C4 GAL B . 1.22 7.16 15.10
C5 GAL B . 2.38 6.67 14.23
C6 GAL B . 3.56 7.63 14.16
O2 GAL B . -0.28 3.78 14.98
O3 GAL B . -0.89 6.48 15.90
O4 GAL B . 1.57 7.45 16.45
O5 GAL B . 2.87 5.47 14.76
O6 GAL B . 4.37 7.19 13.10
C1 FUC B . -1.27 3.30 15.93
C2 FUC B . -2.33 2.50 15.17
C3 FUC B . -1.74 1.19 14.66
C4 FUC B . -1.13 0.43 15.82
C5 FUC B . -0.13 1.32 16.57
C6 FUC B . 0.46 0.68 17.82
O2 FUC B . -2.86 3.27 14.10
O3 FUC B . -2.78 0.45 14.03
O4 FUC B . -2.19 0.06 16.70
O5 FUC B . -0.75 2.53 16.99
O5 A2G B . -2.45 7.69 14.45
C1 A2G B . -1.83 7.99 15.71
C2 A2G B . -2.73 8.02 16.94
N2 A2G B . -1.97 7.95 18.21
C3 A2G B . -3.79 6.91 16.91
O3 A2G B . -4.72 7.28 17.92
C4 A2G B . -4.49 6.85 15.56
O4 A2G B . -5.18 8.10 15.35
C5 A2G B . -3.48 6.64 14.42
C6 A2G B . -4.13 6.60 13.01
O6 A2G B . -3.09 6.58 12.01
C7 A2G B . -1.30 9.02 18.65
O7 A2G B . -1.17 10.06 17.99
C8 A2G B . -0.59 8.88 20.00
C1 EDO C . 14.40 1.30 1.27
O1 EDO C . 13.92 0.27 2.16
C2 EDO C . 15.91 1.21 1.10
O2 EDO C . 16.24 0.02 0.36
C1 EDO D . -5.28 -6.46 -20.09
O1 EDO D . -5.77 -5.11 -20.00
C2 EDO D . -4.09 -6.63 -19.15
O2 EDO D . -4.56 -6.46 -17.80
C1 EDO E . -11.67 19.31 -17.16
O1 EDO E . -10.78 19.55 -16.06
C2 EDO E . -12.81 18.38 -16.76
O2 EDO E . -13.37 18.76 -15.49
#